data_8Y2F
#
_entry.id   8Y2F
#
_cell.length_a   1.00
_cell.length_b   1.00
_cell.length_c   1.00
_cell.angle_alpha   90.00
_cell.angle_beta   90.00
_cell.angle_gamma   90.00
#
_symmetry.space_group_name_H-M   'P 1'
#
loop_
_entity.id
_entity.type
_entity.pdbx_description
1 polymer 'Sodium-dependent dopamine transporter'
2 non-polymer Vanoxerine
3 non-polymer 2-acetamido-2-deoxy-beta-D-glucopyranose
#
_entity_poly.entity_id   1
_entity_poly.type   'polypeptide(L)'
_entity_poly.pdbx_seq_one_letter_code
;KIDFLLSVIGFAVDLANVWRFPYLCYKNGGGAFLVPYLLFMVIAGMPLFYMELALGQFNREGAAGVWKICPILKGVGFTV
ILISLYVGFFYNVIIAWALHYLFSSFTTELPWIHCNNSWNSPNCSDAHPGDSSGDSSGLNDTFGTTPAAEYFERGVLHLH
QSHGIDDLGPPRWQLTACLVLVIVLLYFSLWKGVKTSGKVVWITATMPYVVLTALLLRGVTLPGAIDGIRAYLSVDFYRL
CEASVWIDAATQVCFSLGVGFGVLIAFSSYNKFTNNCYRDAIVTTSINSLTSFSSGFVVFSFLGYMAQKHSVPIGDVAKD
GPGLIFIIYPEAIATLPLSSAWAVVFFIMLLTLGIDSAMGGMESVITGLIDEFQLLHRHRELFTLFIVLATFLLSLFCVT
NGGIYVFTLLDHFAAGTSILFGVLIEAIGVAWFYGVGQFSDDIQQMTGQRPSLYWRLCWKLVSPCFLLFVVVVSIVTFRP
PHYGAYIFPDWANALGWVIATSSMAMVPIYAAYKFCSLPGSFREKLAYAIAPEKDRELVDRGEVRQFTLRHWLKV
;
_entity_poly.pdbx_strand_id   A
#
# COMPACT_ATOMS: atom_id res chain seq x y z
N LYS A 1 -3.46 20.90 -18.23
CA LYS A 1 -4.04 22.00 -17.46
C LYS A 1 -4.93 21.47 -16.34
N ILE A 2 -6.24 21.69 -16.48
CA ILE A 2 -7.19 21.19 -15.49
C ILE A 2 -7.20 19.66 -15.49
N ASP A 3 -7.04 19.05 -16.67
CA ASP A 3 -6.95 17.60 -16.75
C ASP A 3 -5.69 17.07 -16.08
N PHE A 4 -4.60 17.85 -16.12
CA PHE A 4 -3.38 17.46 -15.41
C PHE A 4 -3.57 17.55 -13.89
N LEU A 5 -4.19 18.63 -13.42
CA LEU A 5 -4.39 18.80 -11.99
C LEU A 5 -5.37 17.76 -11.44
N LEU A 6 -6.42 17.45 -12.19
CA LEU A 6 -7.35 16.42 -11.76
C LEU A 6 -6.71 15.03 -11.74
N SER A 7 -5.65 14.82 -12.52
CA SER A 7 -4.92 13.56 -12.46
C SER A 7 -4.04 13.47 -11.23
N VAL A 8 -3.48 14.60 -10.78
CA VAL A 8 -2.68 14.61 -9.56
C VAL A 8 -3.55 14.31 -8.34
N ILE A 9 -4.78 14.83 -8.33
CA ILE A 9 -5.68 14.62 -7.20
C ILE A 9 -5.99 13.14 -7.02
N GLY A 10 -6.16 12.41 -8.12
CA GLY A 10 -6.45 11.00 -8.02
C GLY A 10 -5.34 10.21 -7.36
N PHE A 11 -4.10 10.54 -7.66
CA PHE A 11 -2.95 9.89 -7.04
C PHE A 11 -2.58 10.48 -5.69
N ALA A 12 -3.12 11.65 -5.34
CA ALA A 12 -2.74 12.30 -4.09
C ALA A 12 -3.39 11.66 -2.88
N VAL A 13 -4.64 11.22 -3.02
CA VAL A 13 -5.39 10.62 -1.92
C VAL A 13 -5.77 9.20 -2.30
N ASP A 14 -5.69 8.29 -1.35
CA ASP A 14 -6.06 6.89 -1.55
C ASP A 14 -6.36 6.27 -0.20
N LEU A 15 -6.66 4.98 -0.21
CA LEU A 15 -6.99 4.27 1.02
C LEU A 15 -5.78 4.08 1.93
N ALA A 16 -4.57 4.31 1.43
CA ALA A 16 -3.37 4.12 2.25
C ALA A 16 -3.05 5.32 3.13
N ASN A 17 -3.66 6.49 2.85
CA ASN A 17 -3.47 7.66 3.69
C ASN A 17 -4.58 7.86 4.70
N VAL A 18 -5.73 7.22 4.51
CA VAL A 18 -6.89 7.44 5.36
C VAL A 18 -7.01 6.31 6.37
N TRP A 19 -6.62 5.10 5.96
CA TRP A 19 -6.79 3.92 6.80
C TRP A 19 -5.50 3.49 7.50
N ARG A 20 -4.40 3.40 6.78
CA ARG A 20 -3.18 2.80 7.32
C ARG A 20 -2.25 3.81 7.99
N PHE A 21 -2.15 5.02 7.44
CA PHE A 21 -1.22 5.99 8.00
C PHE A 21 -1.53 6.38 9.44
N PRO A 22 -2.77 6.77 9.80
CA PRO A 22 -3.04 7.09 11.21
C PRO A 22 -2.85 5.90 12.14
N TYR A 23 -3.19 4.70 11.69
CA TYR A 23 -3.02 3.52 12.54
C TYR A 23 -1.55 3.23 12.78
N LEU A 24 -0.70 3.45 11.77
CA LEU A 24 0.74 3.26 11.96
C LEU A 24 1.34 4.37 12.82
N CYS A 25 0.83 5.59 12.71
CA CYS A 25 1.29 6.66 13.60
C CYS A 25 0.91 6.38 15.05
N TYR A 26 -0.29 5.86 15.28
CA TYR A 26 -0.72 5.56 16.65
C TYR A 26 0.01 4.35 17.21
N LYS A 27 0.24 3.33 16.38
CA LYS A 27 0.93 2.13 16.86
C LYS A 27 2.34 2.45 17.34
N ASN A 28 3.09 3.22 16.54
CA ASN A 28 4.38 3.71 16.97
C ASN A 28 4.18 4.97 17.81
N GLY A 29 5.26 5.62 18.20
CA GLY A 29 5.13 6.85 18.97
C GLY A 29 4.47 7.94 18.16
N GLY A 30 3.66 8.76 18.82
CA GLY A 30 3.08 9.90 18.16
C GLY A 30 4.13 10.96 17.90
N GLY A 31 4.45 11.21 16.63
CA GLY A 31 5.44 12.18 16.26
C GLY A 31 6.84 11.63 16.07
N ALA A 32 7.13 10.44 16.61
CA ALA A 32 8.39 9.76 16.34
C ALA A 32 8.33 8.96 15.05
N PHE A 33 7.16 8.84 14.44
CA PHE A 33 6.99 8.19 13.15
C PHE A 33 7.16 9.16 11.98
N LEU A 34 7.05 10.46 12.24
CA LEU A 34 7.12 11.46 11.18
C LEU A 34 8.55 11.78 10.75
N VAL A 35 9.54 11.49 11.58
CA VAL A 35 10.93 11.76 11.23
C VAL A 35 11.43 10.69 10.25
N PRO A 36 11.35 9.39 10.56
CA PRO A 36 11.75 8.40 9.56
C PRO A 36 10.92 8.46 8.29
N TYR A 37 9.63 8.78 8.40
CA TYR A 37 8.78 8.85 7.22
C TYR A 37 9.25 9.96 6.27
N LEU A 38 9.45 11.16 6.79
CA LEU A 38 9.91 12.27 5.96
C LEU A 38 11.31 12.01 5.42
N LEU A 39 12.20 11.45 6.26
CA LEU A 39 13.56 11.17 5.80
C LEU A 39 13.56 10.18 4.65
N PHE A 40 12.84 9.07 4.80
CA PHE A 40 12.78 8.07 3.74
C PHE A 40 12.10 8.62 2.50
N MET A 41 11.05 9.44 2.67
CA MET A 41 10.41 10.05 1.52
C MET A 41 11.40 10.89 0.73
N VAL A 42 12.07 11.84 1.40
CA VAL A 42 12.99 12.74 0.72
C VAL A 42 14.13 11.95 0.08
N ILE A 43 14.59 10.88 0.74
CA ILE A 43 15.76 10.16 0.25
C ILE A 43 15.40 9.28 -0.94
N ALA A 44 14.39 8.42 -0.81
CA ALA A 44 14.10 7.41 -1.82
C ALA A 44 12.61 7.26 -2.07
N GLY A 45 11.89 8.37 -2.22
CA GLY A 45 10.51 8.27 -2.66
C GLY A 45 10.27 9.07 -3.92
N MET A 46 11.04 10.14 -4.09
CA MET A 46 11.02 10.92 -5.32
C MET A 46 11.90 10.27 -6.38
N PRO A 47 13.12 9.83 -6.07
CA PRO A 47 13.90 9.12 -7.10
C PRO A 47 13.21 7.89 -7.65
N LEU A 48 12.57 7.09 -6.78
CA LEU A 48 11.90 5.88 -7.26
C LEU A 48 10.65 6.21 -8.05
N PHE A 49 9.88 7.22 -7.61
CA PHE A 49 8.71 7.65 -8.36
C PHE A 49 9.11 8.11 -9.77
N TYR A 50 10.15 8.95 -9.85
CA TYR A 50 10.65 9.40 -11.14
C TYR A 50 11.14 8.24 -11.99
N MET A 51 11.84 7.29 -11.38
CA MET A 51 12.39 6.16 -12.12
C MET A 51 11.28 5.30 -12.73
N GLU A 52 10.29 4.93 -11.93
CA GLU A 52 9.19 4.11 -12.45
C GLU A 52 8.39 4.87 -13.50
N LEU A 53 8.10 6.16 -13.27
CA LEU A 53 7.36 6.94 -14.24
C LEU A 53 8.08 6.99 -15.58
N ALA A 54 9.37 7.31 -15.57
CA ALA A 54 10.14 7.39 -16.81
C ALA A 54 10.27 6.03 -17.49
N LEU A 55 10.52 4.98 -16.71
CA LEU A 55 10.66 3.64 -17.28
C LEU A 55 9.37 3.21 -17.99
N GLY A 56 8.23 3.40 -17.33
CA GLY A 56 6.97 3.04 -17.96
C GLY A 56 6.66 3.89 -19.18
N GLN A 57 6.93 5.20 -19.11
CA GLN A 57 6.61 6.07 -20.22
C GLN A 57 7.51 5.81 -21.42
N PHE A 58 8.74 5.35 -21.20
CA PHE A 58 9.65 5.13 -22.32
C PHE A 58 9.54 3.75 -22.92
N ASN A 59 9.44 2.70 -22.09
CA ASN A 59 9.42 1.35 -22.63
C ASN A 59 8.04 0.89 -23.07
N ARG A 60 6.97 1.61 -22.69
CA ARG A 60 5.61 1.37 -23.17
C ARG A 60 5.17 -0.07 -22.93
N GLU A 61 5.50 -0.61 -21.75
CA GLU A 61 5.08 -1.95 -21.38
C GLU A 61 4.63 -1.95 -19.93
N GLY A 62 3.73 -2.89 -19.59
CA GLY A 62 3.06 -2.86 -18.33
C GLY A 62 3.89 -3.16 -17.10
N ALA A 63 4.27 -4.41 -16.90
CA ALA A 63 5.02 -4.74 -15.68
C ALA A 63 6.27 -5.55 -15.94
N ALA A 64 6.23 -6.50 -16.89
CA ALA A 64 7.36 -7.37 -17.17
C ALA A 64 7.92 -7.19 -18.58
N GLY A 65 7.26 -6.42 -19.44
CA GLY A 65 7.79 -6.14 -20.75
C GLY A 65 8.81 -5.02 -20.79
N VAL A 66 9.00 -4.30 -19.68
CA VAL A 66 10.02 -3.27 -19.60
C VAL A 66 11.39 -3.83 -19.33
N TRP A 67 11.51 -5.13 -19.07
CA TRP A 67 12.78 -5.76 -18.75
C TRP A 67 13.50 -6.30 -19.96
N LYS A 68 13.22 -5.75 -21.15
CA LYS A 68 14.10 -5.98 -22.29
C LYS A 68 15.43 -5.26 -22.14
N ILE A 69 15.54 -4.34 -21.18
CA ILE A 69 16.80 -3.67 -20.89
C ILE A 69 17.74 -4.56 -20.09
N CYS A 70 17.23 -5.59 -19.44
CA CYS A 70 18.03 -6.58 -18.72
C CYS A 70 17.22 -7.87 -18.65
N PRO A 71 17.35 -8.75 -19.65
CA PRO A 71 16.45 -9.92 -19.72
C PRO A 71 16.53 -10.86 -18.53
N ILE A 72 17.67 -10.92 -17.84
CA ILE A 72 17.84 -11.89 -16.76
C ILE A 72 17.11 -11.51 -15.48
N LEU A 73 16.59 -10.29 -15.39
CA LEU A 73 15.95 -9.79 -14.17
C LEU A 73 14.46 -9.57 -14.37
N LYS A 74 13.79 -10.48 -15.08
CA LYS A 74 12.36 -10.36 -15.31
C LYS A 74 11.52 -10.91 -14.15
N GLY A 75 12.15 -11.55 -13.16
CA GLY A 75 11.40 -12.12 -12.06
C GLY A 75 10.75 -11.09 -11.16
N VAL A 76 11.28 -9.87 -11.10
CA VAL A 76 10.66 -8.83 -10.30
C VAL A 76 9.29 -8.45 -10.86
N GLY A 77 9.12 -8.58 -12.19
CA GLY A 77 7.83 -8.33 -12.79
C GLY A 77 6.74 -9.26 -12.31
N PHE A 78 7.10 -10.51 -11.99
CA PHE A 78 6.15 -11.45 -11.40
C PHE A 78 6.06 -11.28 -9.89
N THR A 79 7.15 -10.88 -9.25
CA THR A 79 7.12 -10.61 -7.81
C THR A 79 6.13 -9.52 -7.47
N VAL A 80 6.12 -8.44 -8.26
CA VAL A 80 5.21 -7.32 -7.98
C VAL A 80 3.76 -7.75 -8.21
N ILE A 81 3.52 -8.60 -9.21
CA ILE A 81 2.16 -9.09 -9.46
C ILE A 81 1.67 -9.95 -8.31
N LEU A 82 2.52 -10.84 -7.79
CA LEU A 82 2.15 -11.64 -6.64
C LEU A 82 1.87 -10.75 -5.43
N ILE A 83 2.69 -9.72 -5.23
CA ILE A 83 2.46 -8.80 -4.12
C ILE A 83 1.11 -8.11 -4.26
N SER A 84 0.77 -7.68 -5.48
CA SER A 84 -0.51 -7.01 -5.70
C SER A 84 -1.69 -7.95 -5.42
N LEU A 85 -1.59 -9.21 -5.85
CA LEU A 85 -2.64 -10.18 -5.57
C LEU A 85 -2.82 -10.37 -4.07
N TYR A 86 -1.70 -10.55 -3.35
CA TYR A 86 -1.76 -10.74 -1.91
C TYR A 86 -2.39 -9.53 -1.24
N VAL A 87 -2.04 -8.32 -1.68
CA VAL A 87 -2.59 -7.12 -1.07
C VAL A 87 -4.09 -7.03 -1.31
N GLY A 88 -4.54 -7.30 -2.54
CA GLY A 88 -5.96 -7.24 -2.83
C GLY A 88 -6.77 -8.22 -2.02
N PHE A 89 -6.20 -9.39 -1.71
CA PHE A 89 -6.90 -10.40 -0.92
C PHE A 89 -7.50 -9.81 0.35
N PHE A 90 -6.70 -9.08 1.13
CA PHE A 90 -7.22 -8.43 2.32
C PHE A 90 -7.67 -7.00 2.09
N TYR A 91 -7.43 -6.44 0.89
CA TYR A 91 -7.94 -5.11 0.58
C TYR A 91 -9.45 -5.13 0.38
N ASN A 92 -9.99 -6.25 -0.11
CA ASN A 92 -11.44 -6.33 -0.31
C ASN A 92 -12.22 -6.25 1.00
N VAL A 93 -11.63 -6.68 2.11
CA VAL A 93 -12.36 -6.78 3.37
C VAL A 93 -12.70 -5.40 3.92
N ILE A 94 -11.80 -4.42 3.73
CA ILE A 94 -12.08 -3.07 4.20
C ILE A 94 -13.30 -2.49 3.48
N ILE A 95 -13.39 -2.74 2.16
CA ILE A 95 -14.56 -2.28 1.41
C ILE A 95 -15.81 -3.00 1.90
N ALA A 96 -15.70 -4.28 2.23
CA ALA A 96 -16.85 -5.00 2.78
C ALA A 96 -17.32 -4.37 4.09
N TRP A 97 -16.37 -4.03 4.97
CA TRP A 97 -16.72 -3.38 6.23
C TRP A 97 -17.37 -2.02 6.00
N ALA A 98 -16.84 -1.26 5.05
CA ALA A 98 -17.42 0.05 4.75
C ALA A 98 -18.85 -0.09 4.22
N LEU A 99 -19.11 -1.10 3.39
CA LEU A 99 -20.46 -1.33 2.92
C LEU A 99 -21.39 -1.72 4.07
N HIS A 100 -20.90 -2.55 4.99
CA HIS A 100 -21.68 -2.92 6.17
C HIS A 100 -22.07 -1.70 6.98
N TYR A 101 -21.10 -0.81 7.23
CA TYR A 101 -21.38 0.40 8.01
C TYR A 101 -22.31 1.34 7.28
N LEU A 102 -22.17 1.44 5.95
CA LEU A 102 -23.08 2.29 5.17
C LEU A 102 -24.51 1.78 5.26
N PHE A 103 -24.70 0.46 5.16
CA PHE A 103 -26.04 -0.09 5.30
C PHE A 103 -26.59 0.13 6.71
N SER A 104 -25.73 0.01 7.73
CA SER A 104 -26.17 0.22 9.10
C SER A 104 -26.39 1.68 9.46
N SER A 105 -25.94 2.63 8.63
CA SER A 105 -26.09 4.05 8.92
C SER A 105 -27.47 4.60 8.58
N PHE A 106 -28.30 3.85 7.86
CA PHE A 106 -29.63 4.32 7.47
C PHE A 106 -30.65 4.06 8.60
N THR A 107 -30.40 4.70 9.73
CA THR A 107 -31.26 4.58 10.90
C THR A 107 -31.46 5.95 11.52
N THR A 108 -32.58 6.10 12.23
CA THR A 108 -32.82 7.32 12.99
C THR A 108 -31.94 7.41 14.23
N GLU A 109 -31.40 6.29 14.69
CA GLU A 109 -30.47 6.26 15.82
C GLU A 109 -29.31 5.34 15.47
N LEU A 110 -28.09 5.88 15.49
CA LEU A 110 -26.93 5.08 15.17
C LEU A 110 -26.73 3.98 16.22
N PRO A 111 -26.30 2.79 15.83
CA PRO A 111 -26.20 1.68 16.78
C PRO A 111 -24.96 1.70 17.66
N TRP A 112 -23.99 2.58 17.38
CA TRP A 112 -22.74 2.63 18.13
C TRP A 112 -22.71 3.79 19.12
N ILE A 113 -23.86 4.17 19.68
CA ILE A 113 -23.93 5.34 20.55
C ILE A 113 -23.85 4.92 22.01
N HIS A 114 -24.80 4.12 22.47
CA HIS A 114 -24.87 3.67 23.85
C HIS A 114 -24.66 2.15 23.89
N CYS A 115 -24.69 1.59 25.11
CA CYS A 115 -24.60 0.14 25.29
C CYS A 115 -25.75 -0.32 26.18
N ASN A 116 -26.90 -0.53 25.54
CA ASN A 116 -28.02 -1.27 26.10
C ASN A 116 -28.33 -2.50 25.26
N ASN A 117 -27.57 -2.74 24.20
CA ASN A 117 -27.90 -3.71 23.17
C ASN A 117 -27.52 -5.12 23.61
N SER A 118 -27.63 -6.07 22.68
CA SER A 118 -27.37 -7.47 22.96
C SER A 118 -25.93 -7.88 22.70
N TRP A 119 -25.11 -6.99 22.14
CA TRP A 119 -23.71 -7.29 21.83
C TRP A 119 -22.76 -6.61 22.80
N ASN A 120 -23.23 -6.24 23.99
CA ASN A 120 -22.44 -5.48 24.94
C ASN A 120 -22.16 -6.32 26.17
N SER A 121 -20.94 -6.22 26.67
CA SER A 121 -20.54 -6.87 27.91
C SER A 121 -20.74 -5.93 29.09
N PRO A 122 -20.67 -6.43 30.33
CA PRO A 122 -20.76 -5.54 31.49
C PRO A 122 -19.63 -4.52 31.54
N ASN A 123 -18.52 -4.75 30.84
CA ASN A 123 -17.39 -3.83 30.83
C ASN A 123 -17.58 -2.73 29.77
N CYS A 124 -18.70 -2.02 29.88
CA CYS A 124 -18.98 -0.87 29.03
C CYS A 124 -19.22 0.35 29.89
N SER A 125 -18.58 1.45 29.54
CA SER A 125 -18.73 2.73 30.24
C SER A 125 -19.31 3.75 29.28
N ASP A 126 -20.36 4.43 29.72
CA ASP A 126 -21.03 5.47 28.92
C ASP A 126 -20.49 6.82 29.37
N ALA A 127 -19.63 7.40 28.54
CA ALA A 127 -18.99 8.69 28.83
C ALA A 127 -18.28 8.67 30.19
N HIS A 128 -17.61 7.57 30.47
CA HIS A 128 -16.89 7.40 31.73
C HIS A 128 -15.78 6.37 31.59
N GLY A 144 -13.13 -0.68 31.58
CA GLY A 144 -14.25 -0.29 30.75
C GLY A 144 -13.90 -0.22 29.28
N THR A 145 -14.93 -0.21 28.43
CA THR A 145 -14.75 -0.12 26.99
C THR A 145 -15.75 0.87 26.42
N THR A 146 -15.35 1.57 25.36
CA THR A 146 -16.23 2.51 24.72
C THR A 146 -17.29 1.78 23.89
N PRO A 147 -18.48 2.37 23.73
CA PRO A 147 -19.52 1.70 22.95
C PRO A 147 -19.15 1.46 21.49
N ALA A 148 -18.33 2.32 20.88
CA ALA A 148 -18.02 2.17 19.46
C ALA A 148 -17.12 0.97 19.22
N ALA A 149 -16.07 0.81 20.01
CA ALA A 149 -15.17 -0.32 19.84
C ALA A 149 -15.87 -1.64 20.15
N GLU A 150 -16.68 -1.67 21.20
CA GLU A 150 -17.45 -2.85 21.52
C GLU A 150 -18.43 -3.19 20.40
N TYR A 151 -19.11 -2.17 19.87
CA TYR A 151 -20.03 -2.40 18.75
C TYR A 151 -19.30 -3.01 17.58
N PHE A 152 -18.19 -2.39 17.15
CA PHE A 152 -17.40 -2.93 16.06
C PHE A 152 -17.06 -4.40 16.31
N GLU A 153 -16.32 -4.67 17.39
CA GLU A 153 -15.75 -6.00 17.59
C GLU A 153 -16.82 -7.06 17.80
N ARG A 154 -17.86 -6.77 18.58
CA ARG A 154 -18.80 -7.80 18.99
C ARG A 154 -20.13 -7.75 18.23
N GLY A 155 -20.29 -6.85 17.25
CA GLY A 155 -21.49 -6.85 16.47
C GLY A 155 -21.23 -6.94 14.98
N VAL A 156 -20.05 -6.51 14.54
CA VAL A 156 -19.68 -6.62 13.14
C VAL A 156 -18.71 -7.76 12.91
N LEU A 157 -17.67 -7.84 13.75
CA LEU A 157 -16.67 -8.89 13.63
C LEU A 157 -17.05 -10.17 14.36
N HIS A 158 -17.78 -10.05 15.48
CA HIS A 158 -18.08 -11.19 16.35
C HIS A 158 -16.80 -11.88 16.80
N LEU A 159 -15.84 -11.07 17.27
CA LEU A 159 -14.53 -11.57 17.64
C LEU A 159 -14.54 -12.38 18.93
N HIS A 160 -15.52 -12.15 19.80
CA HIS A 160 -15.55 -12.83 21.10
C HIS A 160 -15.82 -14.31 20.98
N GLN A 161 -16.24 -14.80 19.82
CA GLN A 161 -16.52 -16.21 19.61
C GLN A 161 -15.34 -16.96 19.00
N SER A 162 -14.20 -16.31 18.83
CA SER A 162 -13.01 -16.92 18.27
C SER A 162 -11.93 -16.99 19.34
N HIS A 163 -11.29 -18.15 19.46
CA HIS A 163 -10.26 -18.39 20.46
C HIS A 163 -8.86 -18.45 19.84
N GLY A 164 -8.63 -17.69 18.78
CA GLY A 164 -7.33 -17.60 18.15
C GLY A 164 -7.42 -17.84 16.65
N ILE A 165 -6.24 -17.87 16.02
CA ILE A 165 -6.15 -18.11 14.60
C ILE A 165 -6.30 -19.60 14.28
N ASP A 166 -6.11 -20.47 15.26
CA ASP A 166 -6.33 -21.90 15.09
C ASP A 166 -7.79 -22.30 15.25
N ASP A 167 -8.68 -21.35 15.55
CA ASP A 167 -10.11 -21.62 15.72
C ASP A 167 -10.86 -20.47 15.04
N LEU A 168 -11.17 -20.65 13.76
CA LEU A 168 -11.79 -19.60 12.95
C LEU A 168 -13.30 -19.73 12.92
N GLY A 169 -13.82 -20.86 12.45
CA GLY A 169 -15.24 -21.06 12.33
C GLY A 169 -15.75 -20.77 10.93
N PRO A 170 -17.04 -21.03 10.70
CA PRO A 170 -17.61 -20.81 9.37
C PRO A 170 -17.72 -19.33 9.05
N PRO A 171 -17.74 -18.96 7.77
CA PRO A 171 -17.87 -17.55 7.41
C PRO A 171 -19.23 -16.97 7.80
N ARG A 172 -19.23 -15.67 8.07
CA ARG A 172 -20.45 -14.97 8.45
C ARG A 172 -21.26 -14.61 7.22
N TRP A 173 -22.57 -14.85 7.27
CA TRP A 173 -23.42 -14.61 6.11
C TRP A 173 -23.71 -13.14 5.88
N GLN A 174 -23.55 -12.30 6.90
CA GLN A 174 -23.81 -10.87 6.71
C GLN A 174 -22.72 -10.20 5.91
N LEU A 175 -21.45 -10.52 6.20
CA LEU A 175 -20.33 -9.94 5.48
C LEU A 175 -20.06 -10.60 4.14
N THR A 176 -20.49 -11.86 3.97
CA THR A 176 -20.31 -12.53 2.69
C THR A 176 -21.14 -11.86 1.60
N ALA A 177 -22.33 -11.37 1.94
CA ALA A 177 -23.13 -10.64 0.95
C ALA A 177 -22.44 -9.35 0.53
N CYS A 178 -21.85 -8.62 1.48
CA CYS A 178 -21.10 -7.42 1.13
C CYS A 178 -19.90 -7.76 0.26
N LEU A 179 -19.21 -8.85 0.58
CA LEU A 179 -18.08 -9.28 -0.25
C LEU A 179 -18.53 -9.61 -1.67
N VAL A 180 -19.67 -10.30 -1.81
CA VAL A 180 -20.20 -10.63 -3.14
C VAL A 180 -20.53 -9.36 -3.90
N LEU A 181 -21.17 -8.39 -3.24
CA LEU A 181 -21.49 -7.13 -3.90
C LEU A 181 -20.24 -6.40 -4.37
N VAL A 182 -19.22 -6.36 -3.51
CA VAL A 182 -17.97 -5.69 -3.87
C VAL A 182 -17.32 -6.39 -5.06
N ILE A 183 -17.30 -7.72 -5.07
CA ILE A 183 -16.70 -8.46 -6.17
C ILE A 183 -17.45 -8.19 -7.47
N VAL A 184 -18.78 -8.19 -7.42
CA VAL A 184 -19.57 -7.94 -8.62
C VAL A 184 -19.29 -6.54 -9.16
N LEU A 185 -19.28 -5.54 -8.27
CA LEU A 185 -19.01 -4.17 -8.69
C LEU A 185 -17.63 -4.04 -9.31
N LEU A 186 -16.63 -4.67 -8.69
CA LEU A 186 -15.27 -4.58 -9.20
C LEU A 186 -15.16 -5.25 -10.58
N TYR A 187 -15.76 -6.42 -10.74
CA TYR A 187 -15.70 -7.09 -12.04
C TYR A 187 -16.38 -6.26 -13.12
N PHE A 188 -17.54 -5.69 -12.82
CA PHE A 188 -18.24 -4.92 -13.84
C PHE A 188 -17.62 -3.55 -14.08
N SER A 189 -16.78 -3.07 -13.16
CA SER A 189 -15.99 -1.87 -13.41
C SER A 189 -14.71 -2.18 -14.16
N LEU A 190 -14.22 -3.42 -14.10
CA LEU A 190 -13.05 -3.83 -14.87
C LEU A 190 -13.42 -4.56 -16.16
N TRP A 191 -14.45 -5.40 -16.12
CA TRP A 191 -14.94 -6.12 -17.30
C TRP A 191 -13.84 -6.94 -17.97
N VAL A 201 -15.47 11.61 -12.57
CA VAL A 201 -14.30 11.77 -11.73
C VAL A 201 -14.28 13.18 -11.13
N TRP A 202 -15.15 14.05 -11.64
CA TRP A 202 -15.27 15.39 -11.06
C TRP A 202 -15.77 15.32 -9.63
N ILE A 203 -16.74 14.45 -9.36
CA ILE A 203 -17.31 14.33 -8.03
C ILE A 203 -16.51 13.35 -7.16
N THR A 204 -16.07 12.25 -7.75
CA THR A 204 -15.40 11.18 -6.99
C THR A 204 -14.03 11.60 -6.46
N ALA A 205 -13.43 12.66 -7.01
CA ALA A 205 -12.07 13.04 -6.64
C ALA A 205 -11.99 14.17 -5.63
N THR A 206 -12.98 15.06 -5.58
CA THR A 206 -12.96 16.20 -4.68
C THR A 206 -13.88 16.01 -3.47
N MET A 207 -14.41 14.81 -3.27
CA MET A 207 -15.26 14.51 -2.11
C MET A 207 -14.43 14.24 -0.85
N PRO A 208 -13.38 13.41 -0.92
CA PRO A 208 -12.58 13.19 0.30
C PRO A 208 -11.99 14.46 0.88
N TYR A 209 -11.57 15.40 0.03
CA TYR A 209 -10.99 16.64 0.54
C TYR A 209 -12.02 17.45 1.32
N VAL A 210 -13.23 17.58 0.79
CA VAL A 210 -14.29 18.31 1.48
C VAL A 210 -14.63 17.63 2.80
N VAL A 211 -14.77 16.31 2.77
CA VAL A 211 -15.13 15.58 3.99
C VAL A 211 -14.05 15.74 5.06
N LEU A 212 -12.78 15.60 4.65
CA LEU A 212 -11.69 15.71 5.61
C LEU A 212 -11.56 17.12 6.15
N THR A 213 -11.79 18.14 5.31
CA THR A 213 -11.75 19.50 5.80
C THR A 213 -12.85 19.77 6.82
N ALA A 214 -14.06 19.26 6.55
CA ALA A 214 -15.15 19.43 7.51
C ALA A 214 -14.83 18.72 8.83
N LEU A 215 -14.29 17.51 8.75
CA LEU A 215 -13.94 16.78 9.97
C LEU A 215 -12.83 17.49 10.74
N LEU A 216 -11.85 18.07 10.03
CA LEU A 216 -10.79 18.81 10.69
C LEU A 216 -11.33 20.05 11.40
N LEU A 217 -12.22 20.79 10.74
CA LEU A 217 -12.82 21.96 11.37
C LEU A 217 -13.62 21.57 12.60
N ARG A 218 -14.30 20.42 12.55
CA ARG A 218 -15.04 19.97 13.72
C ARG A 218 -14.09 19.59 14.85
N GLY A 219 -13.07 18.79 14.56
CA GLY A 219 -12.18 18.27 15.58
C GLY A 219 -11.27 19.30 16.19
N VAL A 220 -11.00 20.41 15.50
CA VAL A 220 -10.15 21.44 16.06
C VAL A 220 -10.80 22.08 17.28
N THR A 221 -12.13 22.23 17.26
CA THR A 221 -12.85 22.96 18.30
C THR A 221 -13.19 22.12 19.53
N LEU A 222 -12.92 20.83 19.51
CA LEU A 222 -13.29 19.97 20.63
C LEU A 222 -12.43 20.27 21.85
N PRO A 223 -12.96 20.03 23.06
CA PRO A 223 -12.27 20.52 24.27
C PRO A 223 -10.87 19.99 24.48
N GLY A 224 -10.61 18.72 24.16
CA GLY A 224 -9.31 18.14 24.43
C GLY A 224 -8.44 17.92 23.22
N ALA A 225 -8.62 18.73 22.18
CA ALA A 225 -7.90 18.52 20.93
C ALA A 225 -6.45 18.96 21.02
N ILE A 226 -6.16 19.99 21.82
CA ILE A 226 -4.81 20.53 21.89
C ILE A 226 -3.84 19.51 22.48
N ASP A 227 -4.30 18.71 23.44
CA ASP A 227 -3.46 17.66 23.99
C ASP A 227 -3.08 16.63 22.93
N GLY A 228 -4.05 16.22 22.12
CA GLY A 228 -3.76 15.30 21.04
C GLY A 228 -2.81 15.88 20.01
N ILE A 229 -3.00 17.16 19.67
CA ILE A 229 -2.10 17.82 18.73
C ILE A 229 -0.68 17.86 19.30
N ARG A 230 -0.55 18.18 20.59
CA ARG A 230 0.77 18.23 21.21
C ARG A 230 1.44 16.86 21.21
N ALA A 231 0.67 15.81 21.49
CA ALA A 231 1.23 14.46 21.43
C ALA A 231 1.60 14.07 20.01
N TYR A 232 0.89 14.62 19.01
CA TYR A 232 1.19 14.32 17.61
C TYR A 232 2.44 15.04 17.13
N LEU A 233 2.67 16.26 17.60
CA LEU A 233 3.76 17.10 17.11
C LEU A 233 5.02 17.00 17.96
N SER A 234 5.04 16.14 18.96
CA SER A 234 6.20 15.97 19.84
C SER A 234 6.95 14.71 19.43
N VAL A 235 8.25 14.84 19.22
CA VAL A 235 9.10 13.73 18.78
C VAL A 235 9.83 13.16 19.99
N ASP A 236 9.68 11.86 20.20
CA ASP A 236 10.36 11.17 21.29
C ASP A 236 11.71 10.67 20.78
N PHE A 237 12.79 11.13 21.40
CA PHE A 237 14.14 10.86 20.93
C PHE A 237 14.66 9.49 21.37
N TYR A 238 13.83 8.70 22.03
CA TYR A 238 14.20 7.35 22.44
C TYR A 238 13.49 6.25 21.64
N ARG A 239 12.45 6.60 20.89
CA ARG A 239 11.78 5.65 20.01
C ARG A 239 12.46 5.53 18.65
N LEU A 240 13.39 6.42 18.33
CA LEU A 240 14.13 6.34 17.08
C LEU A 240 15.29 5.36 17.14
N CYS A 241 15.65 4.89 18.32
CA CYS A 241 16.73 3.92 18.47
C CYS A 241 16.27 2.49 18.26
N GLU A 242 14.99 2.27 18.01
CA GLU A 242 14.44 0.95 17.76
C GLU A 242 14.25 0.75 16.26
N ALA A 243 14.60 -0.44 15.78
CA ALA A 243 14.56 -0.75 14.36
C ALA A 243 13.20 -1.28 13.93
N SER A 244 12.14 -0.56 14.26
CA SER A 244 10.79 -0.89 13.82
C SER A 244 10.08 0.28 13.16
N VAL A 245 10.27 1.50 13.69
CA VAL A 245 9.66 2.67 13.09
C VAL A 245 10.23 2.91 11.69
N TRP A 246 11.51 2.62 11.50
CA TRP A 246 12.12 2.80 10.18
C TRP A 246 11.51 1.86 9.15
N ILE A 247 11.33 0.59 9.52
CA ILE A 247 10.71 -0.38 8.61
C ILE A 247 9.27 0.02 8.32
N ASP A 248 8.54 0.43 9.36
CA ASP A 248 7.16 0.86 9.17
C ASP A 248 7.07 2.06 8.23
N ALA A 249 7.97 3.04 8.40
CA ALA A 249 7.96 4.22 7.55
C ALA A 249 8.30 3.87 6.11
N ALA A 250 9.30 3.01 5.90
CA ALA A 250 9.66 2.61 4.54
C ALA A 250 8.51 1.90 3.84
N THR A 251 7.90 0.93 4.54
CA THR A 251 6.78 0.20 3.94
C THR A 251 5.58 1.10 3.70
N GLN A 252 5.34 2.07 4.59
CA GLN A 252 4.22 2.99 4.39
C GLN A 252 4.48 3.92 3.21
N VAL A 253 5.73 4.36 3.02
CA VAL A 253 6.05 5.17 1.85
C VAL A 253 5.79 4.37 0.58
N CYS A 254 6.23 3.11 0.57
CA CYS A 254 5.98 2.26 -0.60
C CYS A 254 4.49 2.07 -0.85
N PHE A 255 3.72 1.86 0.22
CA PHE A 255 2.27 1.68 0.09
C PHE A 255 1.60 2.94 -0.44
N SER A 256 1.98 4.10 0.08
CA SER A 256 1.30 5.35 -0.27
C SER A 256 1.65 5.79 -1.69
N LEU A 257 2.93 5.72 -2.07
CA LEU A 257 3.31 6.18 -3.40
C LEU A 257 2.99 5.17 -4.49
N GLY A 258 2.67 3.93 -4.14
CA GLY A 258 2.45 2.92 -5.15
C GLY A 258 3.71 2.31 -5.72
N VAL A 259 4.86 2.57 -5.12
CA VAL A 259 6.13 2.06 -5.61
C VAL A 259 6.29 0.61 -5.15
N GLY A 260 6.61 -0.28 -6.09
CA GLY A 260 6.79 -1.69 -5.78
C GLY A 260 5.58 -2.56 -6.04
N PHE A 261 4.50 -1.99 -6.60
CA PHE A 261 3.30 -2.76 -6.91
C PHE A 261 3.08 -2.97 -8.40
N GLY A 262 3.90 -2.36 -9.25
CA GLY A 262 3.70 -2.46 -10.69
C GLY A 262 2.61 -1.57 -11.24
N VAL A 263 2.09 -0.63 -10.44
CA VAL A 263 0.98 0.21 -10.87
C VAL A 263 1.47 1.43 -11.64
N LEU A 264 2.53 2.08 -11.17
CA LEU A 264 3.01 3.29 -11.83
C LEU A 264 3.48 3.02 -13.25
N ILE A 265 4.20 1.91 -13.45
CA ILE A 265 4.70 1.57 -14.78
C ILE A 265 3.53 1.31 -15.73
N ALA A 266 2.54 0.54 -15.27
CA ALA A 266 1.38 0.24 -16.11
C ALA A 266 0.59 1.49 -16.44
N PHE A 267 0.41 2.39 -15.47
CA PHE A 267 -0.33 3.61 -15.72
C PHE A 267 0.42 4.52 -16.68
N SER A 268 1.74 4.64 -16.54
CA SER A 268 2.52 5.52 -17.38
C SER A 268 2.76 4.95 -18.78
N SER A 269 2.58 3.64 -18.96
CA SER A 269 2.71 3.07 -20.30
C SER A 269 1.67 3.58 -21.28
N TYR A 270 0.60 4.21 -20.80
CA TYR A 270 -0.44 4.78 -21.66
C TYR A 270 -0.29 6.27 -21.87
N ASN A 271 0.70 6.90 -21.24
CA ASN A 271 0.87 8.35 -21.33
C ASN A 271 1.50 8.76 -22.65
N LYS A 272 1.38 10.05 -22.96
CA LYS A 272 2.00 10.59 -24.15
C LYS A 272 3.53 10.51 -24.03
N PHE A 273 4.19 10.36 -25.17
CA PHE A 273 5.65 10.22 -25.16
C PHE A 273 6.31 11.51 -24.70
N THR A 274 5.93 12.64 -25.28
CA THR A 274 6.52 13.93 -24.91
C THR A 274 5.77 14.53 -23.72
N ASN A 275 5.81 13.79 -22.61
CA ASN A 275 5.14 14.16 -21.38
C ASN A 275 6.17 14.47 -20.31
N ASN A 276 5.90 15.50 -19.51
CA ASN A 276 6.81 15.92 -18.45
C ASN A 276 6.60 14.98 -17.26
N CYS A 277 7.48 13.99 -17.13
CA CYS A 277 7.42 13.03 -16.04
C CYS A 277 8.16 13.51 -14.78
N TYR A 278 8.77 14.69 -14.83
CA TYR A 278 9.50 15.25 -13.71
C TYR A 278 8.61 16.16 -12.85
N ARG A 279 7.82 17.03 -13.50
CA ARG A 279 6.90 17.88 -12.77
C ARG A 279 5.85 17.06 -12.04
N ASP A 280 5.35 15.99 -12.68
CA ASP A 280 4.38 15.13 -12.02
C ASP A 280 4.95 14.50 -10.77
N ALA A 281 6.18 13.99 -10.85
CA ALA A 281 6.82 13.38 -9.69
C ALA A 281 7.06 14.41 -8.59
N ILE A 282 7.41 15.64 -8.96
CA ILE A 282 7.67 16.66 -7.96
C ILE A 282 6.37 17.06 -7.24
N VAL A 283 5.26 17.13 -7.97
CA VAL A 283 4.02 17.66 -7.40
C VAL A 283 3.23 16.58 -6.64
N THR A 284 3.14 15.38 -7.21
CA THR A 284 2.31 14.33 -6.59
C THR A 284 2.82 13.95 -5.22
N THR A 285 4.14 13.84 -5.05
CA THR A 285 4.69 13.47 -3.76
C THR A 285 4.41 14.54 -2.70
N SER A 286 4.53 15.82 -3.09
CA SER A 286 4.25 16.89 -2.15
C SER A 286 2.79 16.86 -1.70
N ILE A 287 1.87 16.70 -2.64
CA ILE A 287 0.45 16.70 -2.27
C ILE A 287 0.11 15.46 -1.46
N ASN A 288 0.72 14.31 -1.78
CA ASN A 288 0.50 13.10 -1.00
C ASN A 288 0.97 13.27 0.43
N SER A 289 2.15 13.87 0.63
CA SER A 289 2.65 14.09 1.98
C SER A 289 1.75 15.05 2.75
N LEU A 290 1.26 16.10 2.11
CA LEU A 290 0.35 17.02 2.78
C LEU A 290 -0.93 16.32 3.20
N THR A 291 -1.49 15.48 2.33
CA THR A 291 -2.72 14.76 2.66
C THR A 291 -2.50 13.80 3.83
N SER A 292 -1.37 13.09 3.83
CA SER A 292 -1.07 12.18 4.94
C SER A 292 -0.94 12.95 6.25
N PHE A 293 -0.25 14.08 6.23
CA PHE A 293 -0.12 14.91 7.43
C PHE A 293 -1.49 15.34 7.94
N SER A 294 -2.37 15.78 7.04
CA SER A 294 -3.70 16.22 7.46
C SER A 294 -4.50 15.08 8.07
N SER A 295 -4.43 13.88 7.48
CA SER A 295 -5.16 12.74 8.01
C SER A 295 -4.70 12.41 9.43
N GLY A 296 -3.38 12.33 9.64
CA GLY A 296 -2.87 12.07 10.97
C GLY A 296 -3.28 13.16 11.96
N PHE A 297 -3.26 14.42 11.51
CA PHE A 297 -3.66 15.53 12.36
C PHE A 297 -5.10 15.36 12.84
N VAL A 298 -6.01 15.03 11.92
CA VAL A 298 -7.42 14.87 12.28
C VAL A 298 -7.59 13.72 13.28
N VAL A 299 -6.94 12.59 12.99
CA VAL A 299 -7.11 11.42 13.85
C VAL A 299 -6.61 11.71 15.27
N PHE A 300 -5.45 12.36 15.38
CA PHE A 300 -4.92 12.63 16.71
C PHE A 300 -5.72 13.71 17.44
N SER A 301 -6.27 14.68 16.70
CA SER A 301 -7.12 15.69 17.33
C SER A 301 -8.38 15.07 17.91
N PHE A 302 -8.93 14.04 17.26
CA PHE A 302 -10.07 13.34 17.86
C PHE A 302 -9.65 12.41 19.00
N LEU A 303 -8.47 11.80 18.90
CA LEU A 303 -7.99 10.93 19.97
C LEU A 303 -7.79 11.70 21.26
N GLY A 304 -7.26 12.91 21.17
CA GLY A 304 -7.08 13.71 22.38
C GLY A 304 -8.39 14.01 23.08
N TYR A 305 -9.42 14.38 22.31
CA TYR A 305 -10.73 14.66 22.89
C TYR A 305 -11.32 13.40 23.53
N MET A 306 -11.21 12.26 22.86
CA MET A 306 -11.72 11.02 23.45
C MET A 306 -11.01 10.69 24.76
N ALA A 307 -9.68 10.84 24.77
CA ALA A 307 -8.91 10.54 25.99
C ALA A 307 -9.30 11.47 27.13
N GLN A 308 -9.51 12.77 26.82
CA GLN A 308 -9.93 13.70 27.86
C GLN A 308 -11.31 13.36 28.38
N LYS A 309 -12.24 12.99 27.50
CA LYS A 309 -13.61 12.73 27.95
C LYS A 309 -13.73 11.43 28.72
N HIS A 310 -12.84 10.46 28.46
CA HIS A 310 -12.89 9.18 29.14
C HIS A 310 -11.98 9.10 30.34
N SER A 311 -11.25 10.19 30.66
CA SER A 311 -10.33 10.24 31.80
C SER A 311 -9.27 9.14 31.72
N VAL A 312 -8.73 8.92 30.52
CA VAL A 312 -7.68 7.94 30.32
C VAL A 312 -6.54 8.59 29.53
N PRO A 313 -5.32 8.09 29.64
CA PRO A 313 -4.23 8.62 28.81
C PRO A 313 -4.44 8.28 27.34
N ILE A 314 -3.78 9.06 26.48
CA ILE A 314 -4.00 8.92 25.04
C ILE A 314 -3.57 7.55 24.55
N GLY A 315 -2.50 7.00 25.11
CA GLY A 315 -2.01 5.71 24.66
C GLY A 315 -2.80 4.52 25.13
N ASP A 316 -3.72 4.70 26.07
CA ASP A 316 -4.52 3.63 26.64
C ASP A 316 -6.00 3.84 26.34
N VAL A 317 -6.31 4.27 25.12
CA VAL A 317 -7.69 4.54 24.70
C VAL A 317 -8.14 3.67 23.55
N ALA A 318 -7.22 2.96 22.88
CA ALA A 318 -7.58 2.06 21.80
C ALA A 318 -6.47 1.03 21.65
N LYS A 319 -6.65 0.12 20.70
CA LYS A 319 -5.66 -0.90 20.39
C LYS A 319 -4.97 -0.60 19.08
N ASP A 320 -3.74 -1.06 18.94
CA ASP A 320 -2.99 -0.91 17.70
C ASP A 320 -3.40 -2.02 16.74
N GLY A 321 -4.09 -1.65 15.66
CA GLY A 321 -4.54 -2.62 14.69
C GLY A 321 -5.40 -1.97 13.63
N PRO A 322 -5.80 -2.75 12.62
CA PRO A 322 -6.67 -2.25 11.55
C PRO A 322 -8.14 -2.14 11.98
N GLY A 323 -8.36 -1.59 13.16
CA GLY A 323 -9.69 -1.34 13.68
C GLY A 323 -9.82 0.11 14.09
N LEU A 324 -8.68 0.80 14.14
CA LEU A 324 -8.69 2.24 14.27
C LEU A 324 -9.40 2.85 13.06
N ILE A 325 -9.68 4.16 13.15
CA ILE A 325 -10.49 4.92 12.22
C ILE A 325 -11.90 4.32 12.16
N PHE A 326 -12.03 3.00 12.03
CA PHE A 326 -13.34 2.37 12.15
C PHE A 326 -13.91 2.46 13.55
N ILE A 327 -13.06 2.59 14.56
CA ILE A 327 -13.53 2.86 15.91
C ILE A 327 -13.64 4.36 16.19
N ILE A 328 -12.80 5.18 15.57
CA ILE A 328 -12.70 6.60 15.90
C ILE A 328 -13.74 7.43 15.16
N TYR A 329 -13.82 7.29 13.84
CA TYR A 329 -14.66 8.16 13.03
C TYR A 329 -16.14 8.09 13.39
N PRO A 330 -16.74 6.92 13.67
CA PRO A 330 -18.13 6.95 14.16
C PRO A 330 -18.33 7.80 15.41
N GLU A 331 -17.38 7.76 16.35
CA GLU A 331 -17.50 8.58 17.55
C GLU A 331 -17.39 10.06 17.22
N ALA A 332 -16.59 10.42 16.21
CA ALA A 332 -16.52 11.82 15.78
C ALA A 332 -17.79 12.24 15.07
N ILE A 333 -18.38 11.34 14.28
CA ILE A 333 -19.63 11.64 13.58
C ILE A 333 -20.77 11.82 14.57
N ALA A 334 -20.76 11.07 15.67
CA ALA A 334 -21.86 11.13 16.63
C ALA A 334 -21.99 12.50 17.30
N THR A 335 -20.99 13.36 17.21
CA THR A 335 -21.01 14.66 17.87
C THR A 335 -21.50 15.79 16.95
N LEU A 336 -21.82 15.48 15.69
CA LEU A 336 -22.31 16.46 14.73
C LEU A 336 -23.82 16.61 14.83
N PRO A 337 -24.38 17.73 14.32
CA PRO A 337 -25.83 17.97 14.50
C PRO A 337 -26.73 16.88 13.94
N LEU A 338 -26.62 16.60 12.64
CA LEU A 338 -27.39 15.55 11.99
C LEU A 338 -26.41 14.43 11.65
N SER A 339 -26.19 13.53 12.61
CA SER A 339 -25.10 12.57 12.50
C SER A 339 -25.36 11.53 11.41
N SER A 340 -26.63 11.21 11.14
CA SER A 340 -26.93 10.17 10.15
C SER A 340 -26.48 10.57 8.75
N ALA A 341 -26.77 11.82 8.35
CA ALA A 341 -26.36 12.27 7.03
C ALA A 341 -24.84 12.30 6.89
N TRP A 342 -24.14 12.78 7.92
CA TRP A 342 -22.69 12.81 7.89
C TRP A 342 -22.11 11.41 7.79
N ALA A 343 -22.69 10.46 8.54
CA ALA A 343 -22.22 9.08 8.49
C ALA A 343 -22.42 8.49 7.12
N VAL A 344 -23.59 8.71 6.52
CA VAL A 344 -23.87 8.18 5.18
C VAL A 344 -22.88 8.73 4.17
N VAL A 345 -22.66 10.05 4.21
CA VAL A 345 -21.74 10.67 3.25
C VAL A 345 -20.33 10.15 3.44
N PHE A 346 -19.87 10.05 4.70
CA PHE A 346 -18.52 9.58 4.97
C PHE A 346 -18.31 8.15 4.48
N PHE A 347 -19.28 7.28 4.72
CA PHE A 347 -19.09 5.89 4.31
C PHE A 347 -19.24 5.70 2.81
N ILE A 348 -20.06 6.53 2.15
CA ILE A 348 -20.07 6.52 0.68
C ILE A 348 -18.70 6.94 0.14
N MET A 349 -18.11 7.98 0.72
CA MET A 349 -16.78 8.42 0.28
C MET A 349 -15.75 7.31 0.48
N LEU A 350 -15.78 6.66 1.64
CA LEU A 350 -14.83 5.59 1.92
C LEU A 350 -15.01 4.43 0.94
N LEU A 351 -16.27 4.07 0.65
CA LEU A 351 -16.53 2.99 -0.29
C LEU A 351 -15.98 3.32 -1.67
N THR A 352 -16.21 4.54 -2.15
CA THR A 352 -15.70 4.92 -3.48
C THR A 352 -14.18 4.90 -3.52
N LEU A 353 -13.53 5.42 -2.48
CA LEU A 353 -12.08 5.42 -2.43
C LEU A 353 -11.51 4.01 -2.46
N GLY A 354 -12.08 3.12 -1.64
CA GLY A 354 -11.61 1.75 -1.63
C GLY A 354 -11.83 1.03 -2.94
N ILE A 355 -12.99 1.27 -3.57
CA ILE A 355 -13.27 0.64 -4.87
C ILE A 355 -12.26 1.10 -5.91
N ASP A 356 -11.95 2.39 -5.93
CA ASP A 356 -10.99 2.91 -6.91
C ASP A 356 -9.62 2.27 -6.70
N SER A 357 -9.15 2.23 -5.43
CA SER A 357 -7.83 1.67 -5.16
C SER A 357 -7.76 0.19 -5.54
N ALA A 358 -8.79 -0.58 -5.17
CA ALA A 358 -8.79 -2.01 -5.47
C ALA A 358 -8.85 -2.27 -6.97
N MET A 359 -9.66 -1.50 -7.69
CA MET A 359 -9.77 -1.70 -9.13
C MET A 359 -8.45 -1.36 -9.84
N GLY A 360 -7.76 -0.31 -9.38
CA GLY A 360 -6.46 -0.02 -9.97
C GLY A 360 -5.45 -1.11 -9.70
N GLY A 361 -5.39 -1.60 -8.46
CA GLY A 361 -4.47 -2.65 -8.13
C GLY A 361 -4.72 -3.93 -8.91
N MET A 362 -6.00 -4.25 -9.15
CA MET A 362 -6.33 -5.46 -9.89
C MET A 362 -6.06 -5.29 -11.38
N GLU A 363 -6.33 -4.09 -11.92
CA GLU A 363 -6.04 -3.84 -13.33
C GLU A 363 -4.56 -3.94 -13.62
N SER A 364 -3.71 -3.54 -12.67
CA SER A 364 -2.27 -3.73 -12.85
C SER A 364 -1.95 -5.20 -13.15
N VAL A 365 -2.42 -6.10 -12.29
CA VAL A 365 -2.14 -7.54 -12.47
C VAL A 365 -2.72 -8.03 -13.79
N ILE A 366 -3.96 -7.62 -14.09
CA ILE A 366 -4.63 -8.13 -15.29
C ILE A 366 -3.86 -7.70 -16.55
N THR A 367 -3.47 -6.43 -16.62
CA THR A 367 -2.76 -5.96 -17.80
C THR A 367 -1.36 -6.56 -17.90
N GLY A 368 -0.69 -6.78 -16.77
CA GLY A 368 0.62 -7.41 -16.81
C GLY A 368 0.54 -8.83 -17.35
N LEU A 369 -0.41 -9.61 -16.84
CA LEU A 369 -0.53 -10.99 -17.30
C LEU A 369 -1.07 -11.07 -18.73
N ILE A 370 -1.83 -10.07 -19.17
CA ILE A 370 -2.27 -10.03 -20.56
C ILE A 370 -1.10 -9.74 -21.48
N ASP A 371 -0.25 -8.78 -21.10
CA ASP A 371 0.90 -8.44 -21.93
C ASP A 371 1.91 -9.58 -21.99
N GLU A 372 2.08 -10.31 -20.89
CA GLU A 372 3.12 -11.34 -20.83
C GLU A 372 2.82 -12.48 -21.79
N PHE A 373 1.62 -13.05 -21.74
CA PHE A 373 1.28 -14.24 -22.49
C PHE A 373 0.34 -13.91 -23.66
N GLN A 374 0.42 -14.71 -24.71
CA GLN A 374 -0.26 -14.42 -25.96
C GLN A 374 -1.64 -15.05 -26.07
N LEU A 375 -1.85 -16.22 -25.49
CA LEU A 375 -3.15 -16.88 -25.58
C LEU A 375 -4.26 -16.04 -24.95
N LEU A 376 -3.92 -15.27 -23.92
CA LEU A 376 -4.93 -14.55 -23.14
C LEU A 376 -5.55 -13.38 -23.90
N HIS A 377 -5.02 -13.01 -25.07
CA HIS A 377 -5.65 -11.95 -25.84
C HIS A 377 -7.00 -12.36 -26.40
N ARG A 378 -7.30 -13.66 -26.43
CA ARG A 378 -8.64 -14.16 -26.72
C ARG A 378 -9.39 -14.59 -25.47
N HIS A 379 -8.79 -14.38 -24.29
CA HIS A 379 -9.41 -14.69 -22.99
C HIS A 379 -9.34 -13.43 -22.15
N ARG A 380 -10.32 -12.54 -22.32
CA ARG A 380 -10.38 -11.32 -21.52
C ARG A 380 -11.40 -11.43 -20.39
N GLU A 381 -12.67 -11.65 -20.73
CA GLU A 381 -13.67 -11.81 -19.68
C GLU A 381 -13.51 -13.12 -18.94
N LEU A 382 -13.13 -14.19 -19.65
CA LEU A 382 -12.94 -15.49 -19.02
C LEU A 382 -11.65 -15.57 -18.21
N PHE A 383 -10.79 -14.56 -18.30
CA PHE A 383 -9.63 -14.43 -17.43
C PHE A 383 -9.89 -13.51 -16.25
N THR A 384 -10.59 -12.39 -16.49
CA THR A 384 -10.99 -11.53 -15.39
C THR A 384 -11.91 -12.27 -14.42
N LEU A 385 -12.81 -13.11 -14.96
CA LEU A 385 -13.69 -13.90 -14.10
C LEU A 385 -12.88 -14.84 -13.22
N PHE A 386 -11.88 -15.52 -13.78
CA PHE A 386 -11.05 -16.42 -12.99
C PHE A 386 -10.32 -15.65 -11.89
N ILE A 387 -9.76 -14.48 -12.24
CA ILE A 387 -9.00 -13.72 -11.24
C ILE A 387 -9.89 -13.27 -10.10
N VAL A 388 -11.08 -12.72 -10.43
CA VAL A 388 -11.95 -12.23 -9.37
C VAL A 388 -12.53 -13.38 -8.55
N LEU A 389 -12.80 -14.53 -9.16
CA LEU A 389 -13.28 -15.68 -8.40
C LEU A 389 -12.22 -16.19 -7.43
N ALA A 390 -10.96 -16.23 -7.88
CA ALA A 390 -9.88 -16.61 -6.97
C ALA A 390 -9.74 -15.62 -5.83
N THR A 391 -9.86 -14.32 -6.14
CA THR A 391 -9.76 -13.31 -5.09
C THR A 391 -10.89 -13.45 -4.07
N PHE A 392 -12.11 -13.72 -4.54
CA PHE A 392 -13.23 -13.92 -3.63
C PHE A 392 -13.02 -15.15 -2.75
N LEU A 393 -12.57 -16.26 -3.35
CA LEU A 393 -12.36 -17.47 -2.57
C LEU A 393 -11.25 -17.30 -1.55
N LEU A 394 -10.23 -16.49 -1.85
CA LEU A 394 -9.16 -16.26 -0.90
C LEU A 394 -9.52 -15.21 0.15
N SER A 395 -10.41 -14.27 -0.17
CA SER A 395 -10.89 -13.31 0.81
C SER A 395 -11.98 -13.88 1.70
N LEU A 396 -12.55 -15.03 1.35
CA LEU A 396 -13.54 -15.67 2.21
C LEU A 396 -12.95 -16.09 3.56
N PHE A 397 -11.62 -16.13 3.69
CA PHE A 397 -10.99 -16.52 4.95
C PHE A 397 -11.10 -15.43 6.01
N CYS A 398 -11.16 -14.17 5.60
CA CYS A 398 -11.14 -13.04 6.53
C CYS A 398 -12.54 -12.60 6.96
N VAL A 399 -13.58 -13.27 6.52
CA VAL A 399 -14.95 -12.96 6.95
C VAL A 399 -15.47 -14.03 7.90
N THR A 400 -14.59 -14.80 8.52
CA THR A 400 -14.95 -15.78 9.52
C THR A 400 -15.06 -15.09 10.88
N ASN A 401 -15.24 -15.86 11.95
CA ASN A 401 -15.24 -15.27 13.29
C ASN A 401 -13.88 -14.68 13.62
N GLY A 402 -12.83 -15.46 13.44
CA GLY A 402 -11.48 -14.99 13.68
C GLY A 402 -10.79 -14.46 12.44
N GLY A 403 -11.49 -13.60 11.69
CA GLY A 403 -10.91 -13.04 10.47
C GLY A 403 -9.96 -11.89 10.69
N ILE A 404 -10.03 -11.22 11.83
CA ILE A 404 -9.10 -10.12 12.10
C ILE A 404 -7.69 -10.65 12.31
N TYR A 405 -7.55 -11.88 12.82
CA TYR A 405 -6.23 -12.47 12.95
C TYR A 405 -5.59 -12.73 11.59
N VAL A 406 -6.37 -13.27 10.65
CA VAL A 406 -5.88 -13.48 9.30
C VAL A 406 -5.59 -12.14 8.63
N PHE A 407 -6.41 -11.13 8.90
CA PHE A 407 -6.16 -9.80 8.36
C PHE A 407 -4.83 -9.25 8.87
N THR A 408 -4.56 -9.40 10.17
CA THR A 408 -3.30 -8.94 10.74
C THR A 408 -2.12 -9.69 10.15
N LEU A 409 -2.23 -11.01 10.02
CA LEU A 409 -1.15 -11.80 9.46
C LEU A 409 -0.84 -11.38 8.03
N LEU A 410 -1.89 -11.21 7.22
CA LEU A 410 -1.70 -10.78 5.83
C LEU A 410 -1.08 -9.39 5.77
N ASP A 411 -1.61 -8.46 6.57
CA ASP A 411 -1.08 -7.10 6.56
C ASP A 411 0.38 -7.07 6.96
N HIS A 412 0.79 -7.96 7.86
CA HIS A 412 2.20 -7.99 8.27
C HIS A 412 3.09 -8.65 7.22
N PHE A 413 2.62 -9.71 6.56
CA PHE A 413 3.53 -10.56 5.80
C PHE A 413 3.40 -10.46 4.28
N ALA A 414 2.33 -9.87 3.74
CA ALA A 414 2.17 -9.80 2.30
C ALA A 414 3.17 -8.85 1.67
N ALA A 415 3.31 -7.66 2.24
CA ALA A 415 4.28 -6.67 1.82
C ALA A 415 5.32 -6.48 2.92
N GLY A 416 6.21 -5.52 2.73
CA GLY A 416 7.26 -5.29 3.70
C GLY A 416 8.62 -5.69 3.19
N THR A 417 9.16 -6.79 3.70
CA THR A 417 10.46 -7.27 3.25
C THR A 417 10.43 -7.60 1.77
N SER A 418 9.37 -8.25 1.31
CA SER A 418 9.27 -8.62 -0.10
C SER A 418 9.20 -7.38 -1.00
N ILE A 419 8.40 -6.38 -0.62
CA ILE A 419 8.27 -5.19 -1.45
C ILE A 419 9.56 -4.39 -1.47
N LEU A 420 10.26 -4.32 -0.32
CA LEU A 420 11.54 -3.62 -0.29
C LEU A 420 12.60 -4.35 -1.11
N PHE A 421 12.60 -5.69 -1.05
CA PHE A 421 13.52 -6.47 -1.86
C PHE A 421 13.25 -6.26 -3.35
N GLY A 422 11.97 -6.25 -3.75
CA GLY A 422 11.65 -6.01 -5.15
C GLY A 422 12.07 -4.63 -5.61
N VAL A 423 11.84 -3.61 -4.78
CA VAL A 423 12.25 -2.25 -5.13
C VAL A 423 13.76 -2.15 -5.25
N LEU A 424 14.48 -2.80 -4.33
CA LEU A 424 15.94 -2.78 -4.39
C LEU A 424 16.46 -3.45 -5.66
N ILE A 425 15.87 -4.59 -6.03
CA ILE A 425 16.30 -5.28 -7.25
C ILE A 425 15.99 -4.44 -8.47
N GLU A 426 14.82 -3.79 -8.49
CA GLU A 426 14.48 -2.92 -9.62
C GLU A 426 15.47 -1.77 -9.75
N ALA A 427 15.81 -1.13 -8.63
CA ALA A 427 16.74 -0.01 -8.66
C ALA A 427 18.11 -0.46 -9.13
N ILE A 428 18.59 -1.61 -8.64
CA ILE A 428 19.89 -2.12 -9.07
C ILE A 428 19.88 -2.41 -10.57
N GLY A 429 18.84 -3.10 -11.04
CA GLY A 429 18.76 -3.45 -12.45
C GLY A 429 18.69 -2.25 -13.37
N VAL A 430 18.04 -1.17 -12.92
CA VAL A 430 17.94 0.01 -13.77
C VAL A 430 19.22 0.86 -13.70
N ALA A 431 19.86 0.95 -12.53
CA ALA A 431 20.95 1.89 -12.34
C ALA A 431 22.34 1.31 -12.56
N TRP A 432 22.52 0.00 -12.49
CA TRP A 432 23.84 -0.60 -12.64
C TRP A 432 24.00 -1.43 -13.89
N PHE A 433 22.99 -2.23 -14.25
CA PHE A 433 23.09 -3.06 -15.45
C PHE A 433 22.83 -2.24 -16.71
N TYR A 434 21.67 -1.58 -16.76
CA TYR A 434 21.33 -0.78 -17.94
C TYR A 434 22.20 0.47 -18.03
N GLY A 435 22.35 1.19 -16.93
CA GLY A 435 23.17 2.38 -16.92
C GLY A 435 22.39 3.65 -16.61
N VAL A 436 22.81 4.37 -15.57
CA VAL A 436 22.16 5.62 -15.24
C VAL A 436 22.41 6.67 -16.31
N GLY A 437 23.59 6.63 -16.94
CA GLY A 437 23.88 7.56 -18.03
C GLY A 437 23.11 7.27 -19.30
N GLN A 438 22.65 6.02 -19.48
CA GLN A 438 21.78 5.72 -20.61
C GLN A 438 20.32 6.02 -20.28
N PHE A 439 19.93 5.81 -19.02
CA PHE A 439 18.60 6.20 -18.58
C PHE A 439 18.39 7.70 -18.70
N SER A 440 19.43 8.49 -18.38
CA SER A 440 19.33 9.94 -18.52
C SER A 440 19.14 10.34 -19.97
N ASP A 441 19.84 9.68 -20.89
CA ASP A 441 19.67 10.00 -22.31
C ASP A 441 18.30 9.57 -22.82
N ASP A 442 17.78 8.46 -22.31
CA ASP A 442 16.42 8.06 -22.64
C ASP A 442 15.41 9.10 -22.18
N ILE A 443 15.61 9.64 -20.97
CA ILE A 443 14.73 10.71 -20.47
C ILE A 443 14.86 11.96 -21.35
N GLN A 444 16.10 12.31 -21.72
CA GLN A 444 16.32 13.48 -22.56
C GLN A 444 15.76 13.31 -23.96
N GLN A 445 15.53 12.07 -24.40
CA GLN A 445 14.90 11.86 -25.70
C GLN A 445 13.47 12.35 -25.72
N MET A 446 12.68 12.00 -24.69
CA MET A 446 11.27 12.41 -24.66
C MET A 446 11.07 13.81 -24.10
N THR A 447 11.82 14.20 -23.07
CA THR A 447 11.75 15.54 -22.52
C THR A 447 13.03 16.28 -22.86
N GLY A 448 12.91 17.59 -23.06
CA GLY A 448 14.03 18.37 -23.55
C GLY A 448 15.23 18.43 -22.62
N GLN A 449 15.09 18.00 -21.37
CA GLN A 449 16.16 18.10 -20.39
C GLN A 449 16.48 16.72 -19.81
N ARG A 450 17.68 16.60 -19.25
CA ARG A 450 18.15 15.36 -18.64
C ARG A 450 18.46 15.57 -17.17
N PRO A 451 18.39 14.51 -16.35
CA PRO A 451 18.56 14.67 -14.91
C PRO A 451 19.92 15.24 -14.52
N SER A 452 19.94 15.97 -13.42
CA SER A 452 21.16 16.58 -12.91
C SER A 452 21.91 15.58 -12.06
N LEU A 453 22.98 16.03 -11.39
CA LEU A 453 23.81 15.13 -10.60
C LEU A 453 23.06 14.59 -9.39
N TYR A 454 22.17 15.40 -8.79
CA TYR A 454 21.44 14.95 -7.61
C TYR A 454 20.62 13.71 -7.90
N TRP A 455 19.86 13.73 -9.00
CA TRP A 455 19.01 12.59 -9.35
C TRP A 455 19.83 11.34 -9.65
N ARG A 456 20.92 11.50 -10.40
CA ARG A 456 21.74 10.35 -10.75
C ARG A 456 22.42 9.76 -9.51
N LEU A 457 22.92 10.60 -8.62
CA LEU A 457 23.52 10.10 -7.38
C LEU A 457 22.49 9.38 -6.53
N CYS A 458 21.28 9.94 -6.40
CA CYS A 458 20.25 9.28 -5.61
C CYS A 458 19.83 7.96 -6.23
N TRP A 459 19.79 7.88 -7.56
CA TRP A 459 19.44 6.64 -8.23
C TRP A 459 20.52 5.59 -8.05
N LYS A 460 21.79 5.99 -8.13
CA LYS A 460 22.88 5.03 -8.18
C LYS A 460 23.35 4.58 -6.80
N LEU A 461 23.58 5.51 -5.87
CA LEU A 461 24.21 5.19 -4.60
C LEU A 461 23.28 5.31 -3.40
N VAL A 462 22.61 6.46 -3.25
CA VAL A 462 21.94 6.75 -1.98
C VAL A 462 20.78 5.80 -1.72
N SER A 463 19.91 5.62 -2.72
CA SER A 463 18.73 4.77 -2.51
C SER A 463 19.07 3.31 -2.32
N PRO A 464 19.90 2.67 -3.17
CA PRO A 464 20.16 1.24 -2.98
C PRO A 464 20.76 0.86 -1.64
N CYS A 465 21.68 1.67 -1.10
CA CYS A 465 22.31 1.29 0.17
C CYS A 465 21.33 1.40 1.32
N PHE A 466 20.49 2.44 1.33
CA PHE A 466 19.46 2.56 2.36
C PHE A 466 18.45 1.41 2.26
N LEU A 467 18.07 1.06 1.02
CA LEU A 467 17.14 -0.07 0.85
C LEU A 467 17.76 -1.37 1.35
N LEU A 468 19.04 -1.59 1.06
CA LEU A 468 19.71 -2.80 1.55
C LEU A 468 19.77 -2.81 3.07
N PHE A 469 20.08 -1.67 3.69
CA PHE A 469 20.13 -1.59 5.14
C PHE A 469 18.77 -1.92 5.75
N VAL A 470 17.69 -1.37 5.18
CA VAL A 470 16.36 -1.63 5.71
C VAL A 470 15.99 -3.09 5.54
N VAL A 471 16.31 -3.68 4.39
CA VAL A 471 15.97 -5.09 4.16
C VAL A 471 16.72 -5.99 5.14
N VAL A 472 18.01 -5.73 5.33
CA VAL A 472 18.80 -6.56 6.24
C VAL A 472 18.29 -6.43 7.67
N VAL A 473 17.98 -5.20 8.09
CA VAL A 473 17.47 -4.99 9.44
C VAL A 473 16.13 -5.68 9.62
N SER A 474 15.27 -5.62 8.60
CA SER A 474 13.97 -6.29 8.68
C SER A 474 14.13 -7.80 8.82
N ILE A 475 15.08 -8.38 8.07
CA ILE A 475 15.26 -9.82 8.14
C ILE A 475 15.84 -10.24 9.49
N VAL A 476 16.90 -9.56 9.94
CA VAL A 476 17.58 -10.02 11.15
C VAL A 476 16.76 -9.73 12.40
N THR A 477 16.04 -8.61 12.42
CA THR A 477 15.26 -8.20 13.60
C THR A 477 13.80 -8.49 13.30
N PHE A 478 13.35 -9.69 13.64
CA PHE A 478 11.98 -10.12 13.38
C PHE A 478 11.14 -9.92 14.64
N ARG A 479 10.00 -9.26 14.48
CA ARG A 479 9.05 -9.03 15.56
C ARG A 479 7.74 -9.72 15.22
N PRO A 480 7.27 -10.67 16.02
CA PRO A 480 6.04 -11.39 15.68
C PRO A 480 4.84 -10.46 15.74
N PRO A 481 3.81 -10.71 14.93
CA PRO A 481 2.60 -9.89 14.99
C PRO A 481 1.73 -10.25 16.20
N HIS A 482 0.82 -9.33 16.51
CA HIS A 482 -0.09 -9.51 17.63
C HIS A 482 -1.31 -8.62 17.42
N TYR A 483 -2.39 -8.94 18.14
CA TYR A 483 -3.61 -8.14 18.12
C TYR A 483 -4.02 -7.86 19.57
N GLY A 484 -3.47 -6.80 20.14
CA GLY A 484 -3.83 -6.40 21.49
C GLY A 484 -3.13 -7.21 22.56
N ALA A 485 -3.58 -8.44 22.77
CA ALA A 485 -2.98 -9.34 23.73
C ALA A 485 -2.73 -10.75 23.19
N TYR A 486 -3.33 -11.10 22.06
CA TYR A 486 -3.11 -12.42 21.46
C TYR A 486 -1.74 -12.46 20.82
N ILE A 487 -0.97 -13.51 21.12
CA ILE A 487 0.34 -13.74 20.53
C ILE A 487 0.22 -14.93 19.57
N PHE A 488 0.67 -14.72 18.34
CA PHE A 488 0.49 -15.72 17.30
C PHE A 488 1.37 -16.95 17.58
N PRO A 489 0.90 -18.13 17.21
CA PRO A 489 1.71 -19.34 17.43
C PRO A 489 2.83 -19.46 16.41
N ASP A 490 3.67 -20.47 16.60
CA ASP A 490 4.85 -20.65 15.76
C ASP A 490 4.46 -20.96 14.32
N TRP A 491 3.46 -21.83 14.13
CA TRP A 491 3.09 -22.22 12.76
C TRP A 491 2.51 -21.05 11.98
N ALA A 492 1.86 -20.10 12.67
CA ALA A 492 1.38 -18.91 11.99
C ALA A 492 2.55 -18.08 11.45
N ASN A 493 3.60 -17.93 12.24
CA ASN A 493 4.78 -17.20 11.77
C ASN A 493 5.47 -17.95 10.63
N ALA A 494 5.54 -19.28 10.72
CA ALA A 494 6.14 -20.05 9.63
C ALA A 494 5.35 -19.88 8.33
N LEU A 495 4.01 -19.94 8.42
CA LEU A 495 3.18 -19.73 7.24
C LEU A 495 3.33 -18.33 6.69
N GLY A 496 3.45 -17.33 7.57
CA GLY A 496 3.68 -15.97 7.10
C GLY A 496 5.00 -15.82 6.38
N TRP A 497 6.05 -16.45 6.89
CA TRP A 497 7.35 -16.39 6.22
C TRP A 497 7.30 -17.11 4.86
N VAL A 498 6.57 -18.23 4.79
CA VAL A 498 6.39 -18.90 3.50
C VAL A 498 5.69 -17.98 2.52
N ILE A 499 4.63 -17.29 2.97
CA ILE A 499 3.90 -16.36 2.11
C ILE A 499 4.82 -15.24 1.63
N ALA A 500 5.63 -14.69 2.53
CA ALA A 500 6.54 -13.60 2.15
C ALA A 500 7.58 -14.07 1.15
N THR A 501 8.15 -15.26 1.36
CA THR A 501 9.19 -15.76 0.48
C THR A 501 8.67 -16.26 -0.86
N SER A 502 7.38 -16.58 -0.95
CA SER A 502 6.83 -17.11 -2.20
C SER A 502 7.00 -16.11 -3.34
N SER A 503 6.74 -14.83 -3.09
CA SER A 503 6.92 -13.82 -4.14
C SER A 503 8.38 -13.45 -4.34
N MET A 504 9.19 -13.49 -3.27
CA MET A 504 10.59 -13.12 -3.39
C MET A 504 11.37 -14.15 -4.19
N ALA A 505 10.98 -15.43 -4.12
CA ALA A 505 11.73 -16.50 -4.78
C ALA A 505 11.50 -16.55 -6.29
N MET A 506 10.86 -15.53 -6.87
CA MET A 506 10.60 -15.54 -8.31
C MET A 506 11.79 -15.06 -9.14
N VAL A 507 12.76 -14.38 -8.52
CA VAL A 507 13.91 -13.85 -9.25
C VAL A 507 14.93 -14.95 -9.52
N PRO A 508 15.42 -15.70 -8.53
CA PRO A 508 16.40 -16.75 -8.84
C PRO A 508 15.88 -17.82 -9.76
N ILE A 509 14.60 -18.18 -9.66
CA ILE A 509 14.05 -19.24 -10.50
C ILE A 509 14.07 -18.81 -11.97
N TYR A 510 13.57 -17.61 -12.25
CA TYR A 510 13.60 -17.14 -13.64
C TYR A 510 15.01 -16.89 -14.12
N ALA A 511 15.91 -16.43 -13.25
CA ALA A 511 17.30 -16.25 -13.65
C ALA A 511 17.93 -17.56 -14.08
N ALA A 512 17.73 -18.62 -13.28
CA ALA A 512 18.26 -19.93 -13.62
C ALA A 512 17.64 -20.47 -14.91
N TYR A 513 16.32 -20.32 -15.05
CA TYR A 513 15.67 -20.80 -16.27
C TYR A 513 16.17 -20.06 -17.50
N LYS A 514 16.33 -18.74 -17.41
CA LYS A 514 16.82 -17.95 -18.54
C LYS A 514 18.26 -18.34 -18.89
N PHE A 515 19.11 -18.53 -17.88
CA PHE A 515 20.49 -18.91 -18.16
C PHE A 515 20.56 -20.28 -18.81
N CYS A 516 19.74 -21.23 -18.35
CA CYS A 516 19.79 -22.57 -18.91
C CYS A 516 19.15 -22.65 -20.29
N SER A 517 18.21 -21.75 -20.59
CA SER A 517 17.49 -21.83 -21.87
C SER A 517 18.33 -21.35 -23.04
N LEU A 518 19.15 -20.32 -22.84
CA LEU A 518 19.90 -19.73 -23.95
C LEU A 518 20.95 -20.71 -24.47
N PRO A 519 21.26 -20.64 -25.76
CA PRO A 519 22.28 -21.51 -26.34
C PRO A 519 23.66 -20.85 -26.35
N GLY A 520 24.67 -21.68 -26.58
CA GLY A 520 26.05 -21.22 -26.62
C GLY A 520 26.77 -21.50 -25.31
N SER A 521 28.05 -21.11 -25.30
CA SER A 521 28.90 -21.36 -24.14
C SER A 521 28.54 -20.39 -23.02
N PHE A 522 29.32 -20.43 -21.93
CA PHE A 522 29.01 -19.62 -20.76
C PHE A 522 29.07 -18.13 -21.07
N ARG A 523 30.12 -17.69 -21.78
CA ARG A 523 30.27 -16.28 -22.06
C ARG A 523 29.14 -15.76 -22.94
N GLU A 524 28.76 -16.53 -23.96
CA GLU A 524 27.68 -16.11 -24.84
C GLU A 524 26.34 -16.09 -24.11
N LYS A 525 26.12 -17.07 -23.22
CA LYS A 525 24.92 -17.08 -22.40
C LYS A 525 24.85 -15.82 -21.54
N LEU A 526 25.96 -15.48 -20.88
CA LEU A 526 25.98 -14.30 -20.03
C LEU A 526 25.77 -13.03 -20.85
N ALA A 527 26.41 -12.95 -22.02
CA ALA A 527 26.27 -11.77 -22.87
C ALA A 527 24.83 -11.58 -23.33
N TYR A 528 24.17 -12.67 -23.74
CA TYR A 528 22.78 -12.56 -24.17
C TYR A 528 21.82 -12.37 -22.99
N ALA A 529 22.25 -12.70 -21.78
CA ALA A 529 21.38 -12.56 -20.62
C ALA A 529 21.45 -11.20 -19.96
N ILE A 530 22.61 -10.53 -19.96
CA ILE A 530 22.72 -9.24 -19.28
C ILE A 530 22.63 -8.04 -20.23
N ALA A 531 22.89 -8.22 -21.52
CA ALA A 531 22.84 -7.10 -22.44
C ALA A 531 21.40 -6.80 -22.85
N PRO A 532 21.10 -5.54 -23.17
CA PRO A 532 19.74 -5.21 -23.63
C PRO A 532 19.42 -5.85 -24.97
N GLU A 533 18.12 -6.09 -25.19
CA GLU A 533 17.68 -6.71 -26.43
C GLU A 533 17.79 -5.77 -27.63
N LYS A 534 18.06 -4.49 -27.41
CA LYS A 534 18.29 -3.53 -28.49
C LYS A 534 19.76 -3.42 -28.87
N ASP A 535 20.62 -4.25 -28.26
CA ASP A 535 22.05 -4.22 -28.52
C ASP A 535 22.57 -5.51 -29.13
N ARG A 536 21.69 -6.31 -29.74
CA ARG A 536 22.11 -7.60 -30.28
C ARG A 536 23.07 -7.43 -31.46
N GLU A 537 22.90 -6.36 -32.25
CA GLU A 537 23.82 -6.11 -33.36
C GLU A 537 25.23 -5.86 -32.84
N LEU A 538 25.37 -5.13 -31.74
CA LEU A 538 26.68 -4.88 -31.16
C LEU A 538 27.22 -6.11 -30.45
N VAL A 539 26.34 -6.87 -29.78
CA VAL A 539 26.79 -8.05 -29.05
C VAL A 539 27.31 -9.11 -30.00
N ASP A 540 26.67 -9.25 -31.17
CA ASP A 540 27.09 -10.27 -32.13
C ASP A 540 28.52 -10.05 -32.63
N ARG A 541 29.04 -8.82 -32.53
CA ARG A 541 30.40 -8.53 -32.95
C ARG A 541 31.36 -8.39 -31.77
N GLY A 542 31.03 -9.00 -30.63
CA GLY A 542 31.92 -8.93 -29.47
C GLY A 542 32.09 -7.55 -28.89
N GLU A 543 30.99 -6.81 -28.74
CA GLU A 543 31.01 -5.44 -28.22
C GLU A 543 30.04 -5.31 -27.05
N VAL A 544 30.13 -6.23 -26.10
CA VAL A 544 29.27 -6.19 -24.92
C VAL A 544 29.74 -5.06 -24.01
N ARG A 545 28.83 -4.15 -23.68
CA ARG A 545 29.17 -2.99 -22.86
C ARG A 545 29.36 -3.34 -21.40
N GLN A 546 28.82 -4.47 -20.94
CA GLN A 546 28.88 -4.86 -19.53
C GLN A 546 30.10 -5.71 -19.22
N PHE A 547 31.02 -5.87 -20.16
CA PHE A 547 32.26 -6.59 -19.94
C PHE A 547 33.43 -5.65 -19.68
N THR A 548 33.17 -4.35 -19.48
CA THR A 548 34.18 -3.37 -19.13
C THR A 548 33.77 -2.65 -17.88
N LEU A 549 34.76 -2.23 -17.08
CA LEU A 549 34.47 -1.60 -15.79
C LEU A 549 34.15 -0.12 -15.92
N ARG A 550 34.47 0.51 -17.06
CA ARG A 550 34.08 1.90 -17.26
C ARG A 550 32.57 2.04 -17.26
N HIS A 551 31.85 1.00 -17.68
CA HIS A 551 30.39 1.03 -17.64
C HIS A 551 29.87 0.91 -16.21
N TRP A 552 30.58 0.19 -15.36
CA TRP A 552 30.14 -0.03 -13.98
C TRP A 552 30.57 1.07 -13.03
N LEU A 553 31.59 1.85 -13.39
CA LEU A 553 32.08 2.93 -12.54
C LEU A 553 31.53 4.30 -12.94
N LYS A 554 30.64 4.36 -13.92
CA LYS A 554 30.17 5.62 -14.47
C LYS A 554 28.88 6.03 -13.78
N VAL A 555 28.90 7.21 -13.16
CA VAL A 555 27.72 7.74 -12.48
C VAL A 555 27.22 8.99 -13.21
#